data_2ISB
#
_entry.id   2ISB
#
_cell.length_a   51.664
_cell.length_b   51.664
_cell.length_c   157.756
_cell.angle_alpha   90.000
_cell.angle_beta   90.000
_cell.angle_gamma   90.000
#
_symmetry.space_group_name_H-M   'P 43 21 2'
#
loop_
_entity.id
_entity.type
_entity.pdbx_description
1 polymer Fumarase
2 water water
#
_entity_poly.entity_id   1
_entity_poly.type   'polypeptide(L)'
_entity_poly.pdbx_seq_one_letter_code
;(MSE)GSDKIHHHHHH(MSE)V(MSE)EYELRTPLVKDQILKLKVGDVVYITGEIFTARDEAHARALEW(MSE)EEGKEL
PFSFDKGVVYHCGPLVKKNDEWRVVSAGPTTSAR(MSE)NPFTPKILEKVEC(MSE)GIIGKGG(MSE)SEEVVEA
(MSE)RGKAAYFAFTGGAGALAA(MSE)SIKKVKGVVWEDLG(MSE)PEAVWLLEVERFGPCIVAIDAHGNSLYRR
;
_entity_poly.pdbx_strand_id   A
#
# COMPACT_ATOMS: atom_id res chain seq x y z
N HIS A 9 8.16 -30.59 15.86
CA HIS A 9 6.73 -30.88 16.17
C HIS A 9 5.85 -29.63 16.06
N HIS A 10 6.45 -28.45 16.07
CA HIS A 10 5.71 -27.21 15.82
C HIS A 10 5.46 -27.04 14.32
N HIS A 11 4.23 -27.38 13.89
CA HIS A 11 3.83 -27.32 12.48
C HIS A 11 3.76 -25.86 12.04
N HIS A 12 4.13 -25.58 10.79
CA HIS A 12 3.99 -24.25 10.24
C HIS A 12 2.49 -23.99 10.01
N VAL A 14 -0.54 -20.97 8.88
CA VAL A 14 -0.83 -19.70 8.26
C VAL A 14 -1.44 -18.76 9.29
N GLU A 16 -3.15 -15.19 10.41
CA GLU A 16 -3.97 -14.15 9.83
C GLU A 16 -3.88 -12.97 10.77
N TYR A 17 -3.61 -11.79 10.22
CA TYR A 17 -3.49 -10.59 11.04
C TYR A 17 -4.44 -9.54 10.50
N GLU A 18 -5.15 -8.87 11.39
CA GLU A 18 -5.76 -7.60 11.04
C GLU A 18 -4.82 -6.48 11.51
N LEU A 19 -4.03 -5.95 10.58
CA LEU A 19 -3.05 -4.91 10.86
C LEU A 19 -3.72 -3.54 10.93
N ARG A 20 -3.47 -2.83 12.01
CA ARG A 20 -4.01 -1.50 12.17
C ARG A 20 -2.97 -0.44 11.87
N THR A 21 -3.42 0.63 11.26
CA THR A 21 -2.55 1.74 10.97
C THR A 21 -2.81 2.81 12.03
N PRO A 22 -1.81 3.66 12.31
CA PRO A 22 -0.42 3.66 11.83
C PRO A 22 0.28 2.38 12.26
N LEU A 23 1.12 1.87 11.38
CA LEU A 23 1.71 0.57 11.61
C LEU A 23 2.61 0.55 12.84
N VAL A 24 2.56 -0.60 13.51
CA VAL A 24 3.46 -0.93 14.62
C VAL A 24 4.60 -1.78 14.04
N LYS A 25 5.82 -1.27 14.11
CA LYS A 25 6.96 -1.93 13.49
C LYS A 25 7.12 -3.40 13.88
N ASP A 26 6.97 -3.72 15.17
CA ASP A 26 7.05 -5.10 15.59
C ASP A 26 6.02 -6.03 14.93
N GLN A 27 4.85 -5.51 14.58
CA GLN A 27 3.85 -6.34 13.90
C GLN A 27 4.27 -6.62 12.45
N ILE A 28 4.91 -5.65 11.77
CA ILE A 28 5.49 -5.88 10.46
C ILE A 28 6.61 -6.91 10.52
N LEU A 29 7.47 -6.82 11.54
CA LEU A 29 8.60 -7.77 11.64
C LEU A 29 8.16 -9.19 11.92
N LYS A 30 7.02 -9.36 12.57
CA LYS A 30 6.46 -10.69 12.87
C LYS A 30 5.90 -11.42 11.64
N LEU A 31 5.62 -10.69 10.56
CA LEU A 31 5.04 -11.27 9.36
C LEU A 31 6.00 -12.23 8.66
N LYS A 32 5.43 -13.29 8.09
CA LYS A 32 6.17 -14.28 7.30
C LYS A 32 5.50 -14.35 5.93
N VAL A 33 6.27 -14.71 4.90
CA VAL A 33 5.68 -14.84 3.60
CA VAL A 33 5.70 -14.89 3.57
C VAL A 33 4.62 -15.98 3.68
N GLY A 34 3.46 -15.75 3.08
CA GLY A 34 2.35 -16.67 3.08
C GLY A 34 1.30 -16.37 4.15
N ASP A 35 1.60 -15.46 5.07
CA ASP A 35 0.59 -15.05 6.03
C ASP A 35 -0.50 -14.23 5.34
N VAL A 36 -1.70 -14.28 5.92
CA VAL A 36 -2.87 -13.53 5.43
C VAL A 36 -3.02 -12.22 6.24
N VAL A 37 -3.21 -11.12 5.52
CA VAL A 37 -3.29 -9.80 6.16
C VAL A 37 -4.54 -9.09 5.65
N TYR A 38 -5.26 -8.49 6.59
CA TYR A 38 -6.25 -7.47 6.31
C TYR A 38 -5.80 -6.16 6.96
N ILE A 39 -6.13 -5.02 6.35
CA ILE A 39 -5.72 -3.71 6.87
C ILE A 39 -6.93 -2.96 7.39
N THR A 40 -6.83 -2.37 8.58
CA THR A 40 -7.86 -1.52 9.13
C THR A 40 -7.24 -0.21 9.60
N GLY A 41 -7.81 0.89 9.17
CA GLY A 41 -7.29 2.21 9.46
C GLY A 41 -7.19 2.99 8.18
N GLU A 42 -6.16 3.79 8.03
CA GLU A 42 -6.00 4.62 6.83
C GLU A 42 -5.03 3.93 5.88
N ILE A 43 -5.31 4.04 4.59
CA ILE A 43 -4.34 3.68 3.55
C ILE A 43 -4.39 4.80 2.53
N PHE A 44 -3.38 4.90 1.70
CA PHE A 44 -3.48 5.81 0.58
C PHE A 44 -3.02 5.20 -0.70
N THR A 45 -3.60 5.67 -1.78
CA THR A 45 -3.30 5.14 -3.11
C THR A 45 -2.19 5.99 -3.72
N ALA A 46 -1.30 5.35 -4.48
CA ALA A 46 -0.29 6.09 -5.23
C ALA A 46 0.26 5.18 -6.31
N ARG A 47 0.38 5.70 -7.52
CA ARG A 47 1.12 4.94 -8.52
CA ARG A 47 1.01 4.99 -8.63
C ARG A 47 2.12 5.85 -9.24
N ASP A 48 2.27 5.75 -10.56
CA ASP A 48 3.50 6.20 -11.26
C ASP A 48 3.73 7.70 -11.07
N GLU A 49 2.70 8.49 -11.36
CA GLU A 49 2.87 9.94 -11.32
C GLU A 49 3.12 10.46 -9.90
N ALA A 50 2.38 9.92 -8.96
CA ALA A 50 2.50 10.33 -7.57
C ALA A 50 3.90 10.00 -7.01
N HIS A 51 4.42 8.82 -7.36
CA HIS A 51 5.77 8.46 -6.91
C HIS A 51 6.82 9.39 -7.53
N ALA A 52 6.70 9.69 -8.81
CA ALA A 52 7.58 10.65 -9.45
C ALA A 52 7.56 12.02 -8.80
N ARG A 53 6.36 12.57 -8.57
CA ARG A 53 6.27 13.85 -7.88
C ARG A 53 6.84 13.77 -6.44
N ALA A 54 6.59 12.67 -5.73
CA ALA A 54 7.10 12.54 -4.38
C ALA A 54 8.63 12.62 -4.38
N LEU A 55 9.29 11.92 -5.30
CA LEU A 55 10.76 11.96 -5.36
CA LEU A 55 10.76 11.96 -5.34
C LEU A 55 11.26 13.37 -5.64
N GLU A 56 10.58 14.06 -6.55
CA GLU A 56 10.91 15.44 -6.87
C GLU A 56 10.80 16.34 -5.63
N TRP A 57 9.70 16.26 -4.92
CA TRP A 57 9.51 17.05 -3.70
C TRP A 57 10.53 16.69 -2.59
N GLU A 59 13.58 15.50 -2.87
CA GLU A 59 14.93 15.98 -3.14
C GLU A 59 15.05 17.49 -3.03
N GLU A 60 13.92 18.19 -3.11
CA GLU A 60 13.87 19.63 -2.92
C GLU A 60 13.55 20.03 -1.49
N GLY A 61 13.30 19.05 -0.63
CA GLY A 61 12.98 19.33 0.77
C GLY A 61 11.59 19.88 0.99
N LYS A 62 10.67 19.63 0.05
CA LYS A 62 9.27 20.07 0.20
C LYS A 62 8.48 18.98 0.91
N GLU A 63 7.84 19.35 2.01
CA GLU A 63 7.05 18.41 2.78
C GLU A 63 5.90 17.86 1.94
N LEU A 64 5.74 16.54 1.98
CA LEU A 64 4.66 15.88 1.22
C LEU A 64 3.33 16.06 1.96
N PRO A 65 2.22 16.07 1.24
CA PRO A 65 0.92 16.19 1.89
C PRO A 65 0.36 14.87 2.45
N PHE A 66 1.20 13.83 2.53
CA PHE A 66 0.84 12.55 3.15
C PHE A 66 2.19 12.00 3.65
N SER A 67 2.17 10.87 4.36
CA SER A 67 3.41 10.31 4.90
CA SER A 67 3.37 10.31 4.95
C SER A 67 3.49 8.82 4.64
N PHE A 68 4.63 8.41 4.10
CA PHE A 68 4.90 6.99 3.89
C PHE A 68 5.21 6.32 5.22
N ASP A 69 5.78 7.07 6.17
CA ASP A 69 6.22 6.47 7.41
C ASP A 69 5.06 5.94 8.25
N LYS A 70 5.15 4.66 8.60
CA LYS A 70 4.14 3.93 9.33
C LYS A 70 2.82 3.77 8.56
N GLY A 71 2.88 4.03 7.26
CA GLY A 71 1.72 4.01 6.44
C GLY A 71 1.67 2.80 5.53
N VAL A 72 0.50 2.62 4.93
CA VAL A 72 0.28 1.61 3.93
C VAL A 72 -0.10 2.28 2.62
N VAL A 73 0.74 2.09 1.61
CA VAL A 73 0.47 2.58 0.25
CA VAL A 73 0.50 2.58 0.24
C VAL A 73 -0.10 1.47 -0.61
N TYR A 74 -1.16 1.79 -1.34
CA TYR A 74 -1.78 0.83 -2.24
C TYR A 74 -1.53 1.28 -3.66
N HIS A 75 -0.79 0.45 -4.42
CA HIS A 75 -0.62 0.61 -5.86
C HIS A 75 -1.95 0.35 -6.55
N CYS A 76 -2.67 1.43 -6.81
CA CYS A 76 -4.07 1.43 -7.23
C CYS A 76 -4.41 2.75 -7.93
N GLY A 77 -5.17 2.65 -9.02
CA GLY A 77 -5.85 3.78 -9.63
C GLY A 77 -7.34 3.62 -9.42
N PRO A 78 -7.87 4.24 -8.37
CA PRO A 78 -9.27 3.95 -8.04
C PRO A 78 -10.26 4.62 -8.95
N LEU A 79 -11.43 4.01 -9.10
CA LEU A 79 -12.59 4.64 -9.69
C LEU A 79 -13.47 5.20 -8.53
N VAL A 80 -13.72 6.49 -8.57
CA VAL A 80 -14.37 7.22 -7.48
C VAL A 80 -15.55 8.01 -8.07
N LYS A 81 -16.67 8.00 -7.37
CA LYS A 81 -17.81 8.80 -7.75
C LYS A 81 -18.07 9.84 -6.66
N LYS A 82 -18.61 10.99 -7.02
CA LYS A 82 -18.91 12.01 -6.00
C LYS A 82 -20.41 12.23 -5.88
N ASN A 83 -21.00 11.81 -4.76
CA ASN A 83 -22.39 12.16 -4.42
C ASN A 83 -22.30 13.31 -3.39
N ASP A 84 -22.82 13.11 -2.17
CA ASP A 84 -22.55 14.04 -1.06
C ASP A 84 -21.06 14.03 -0.67
N GLU A 85 -20.47 12.84 -0.71
CA GLU A 85 -19.06 12.63 -0.45
C GLU A 85 -18.47 11.87 -1.63
N TRP A 86 -17.15 11.86 -1.75
CA TRP A 86 -16.49 10.94 -2.61
C TRP A 86 -16.81 9.52 -2.13
N ARG A 87 -17.01 8.62 -3.09
CA ARG A 87 -17.25 7.19 -2.80
CA ARG A 87 -17.21 7.20 -2.77
C ARG A 87 -16.40 6.37 -3.75
N VAL A 88 -15.59 5.47 -3.20
CA VAL A 88 -14.80 4.60 -4.05
C VAL A 88 -15.67 3.45 -4.55
N VAL A 89 -15.70 3.30 -5.89
CA VAL A 89 -16.46 2.30 -6.64
CA VAL A 89 -16.49 2.26 -6.52
C VAL A 89 -15.64 1.06 -7.00
N SER A 90 -14.37 1.28 -7.36
CA SER A 90 -13.46 0.17 -7.61
CA SER A 90 -13.44 0.18 -7.65
C SER A 90 -12.05 0.53 -7.12
N ALA A 91 -11.38 -0.45 -6.55
CA ALA A 91 -10.06 -0.27 -6.00
C ALA A 91 -9.26 -1.55 -6.22
N GLY A 92 -9.00 -1.83 -7.49
CA GLY A 92 -8.18 -2.97 -7.90
C GLY A 92 -6.73 -2.57 -7.98
N PRO A 93 -5.84 -3.57 -7.91
CA PRO A 93 -4.42 -3.27 -7.86
C PRO A 93 -3.82 -2.99 -9.23
N THR A 94 -2.70 -2.26 -9.22
CA THR A 94 -1.90 -2.11 -10.43
CA THR A 94 -1.86 -2.02 -10.37
C THR A 94 -0.59 -2.84 -10.21
N THR A 95 0.07 -3.12 -11.32
CA THR A 95 1.34 -3.83 -11.31
C THR A 95 2.45 -3.05 -10.59
N SER A 96 2.89 -3.58 -9.46
CA SER A 96 3.81 -2.89 -8.59
C SER A 96 5.21 -2.65 -9.20
N ALA A 97 5.63 -3.50 -10.15
CA ALA A 97 7.01 -3.42 -10.67
C ALA A 97 7.28 -2.04 -11.27
N ARG A 98 6.21 -1.38 -11.73
CA ARG A 98 6.38 -0.02 -12.27
C ARG A 98 6.90 0.98 -11.25
N ASN A 100 9.12 0.04 -8.94
CA ASN A 100 10.45 -0.39 -8.47
C ASN A 100 11.49 0.72 -8.41
N PRO A 101 11.55 1.59 -9.43
CA PRO A 101 12.60 2.64 -9.42
C PRO A 101 12.50 3.68 -8.34
N PHE A 102 11.30 3.86 -7.79
CA PHE A 102 11.03 4.90 -6.80
C PHE A 102 11.10 4.41 -5.36
N THR A 103 10.84 3.13 -5.18
CA THR A 103 10.48 2.62 -3.85
C THR A 103 11.66 2.51 -2.87
N PRO A 104 12.84 2.04 -3.31
CA PRO A 104 13.99 2.07 -2.39
C PRO A 104 14.27 3.47 -1.78
N LYS A 105 14.19 4.54 -2.58
CA LYS A 105 14.40 5.88 -2.06
C LYS A 105 13.36 6.25 -0.99
N ILE A 106 12.12 5.85 -1.23
CA ILE A 106 11.03 6.11 -0.30
C ILE A 106 11.24 5.33 1.01
N LEU A 107 11.69 4.08 0.91
CA LEU A 107 11.93 3.26 2.10
C LEU A 107 13.11 3.75 2.95
N GLU A 108 14.05 4.44 2.32
CA GLU A 108 15.27 4.89 2.99
C GLU A 108 15.00 5.55 4.32
N LYS A 109 14.06 6.48 4.37
CA LYS A 109 13.87 7.22 5.61
C LYS A 109 12.76 6.70 6.53
N VAL A 110 11.96 5.72 6.10
CA VAL A 110 10.86 5.28 6.96
C VAL A 110 11.35 4.36 8.08
N GLU A 111 10.66 4.41 9.23
CA GLU A 111 10.82 3.45 10.31
C GLU A 111 10.17 2.12 9.92
N CYS A 112 8.97 2.20 9.34
CA CYS A 112 8.34 1.02 8.77
C CYS A 112 7.25 1.44 7.82
N GLY A 114 4.10 -0.49 4.82
CA GLY A 114 3.53 -1.61 4.06
C GLY A 114 3.13 -1.14 2.69
N ILE A 115 3.18 -2.07 1.72
CA ILE A 115 2.84 -1.78 0.35
C ILE A 115 1.92 -2.86 -0.14
N ILE A 116 0.79 -2.49 -0.73
CA ILE A 116 -0.17 -3.45 -1.34
C ILE A 116 -0.13 -3.28 -2.85
N GLY A 117 -0.05 -4.39 -3.60
CA GLY A 117 -0.12 -4.33 -5.05
C GLY A 117 -0.32 -5.70 -5.65
N LYS A 118 0.02 -5.81 -6.92
CA LYS A 118 0.12 -7.13 -7.57
C LYS A 118 1.44 -7.29 -8.30
N GLY A 119 1.93 -8.53 -8.30
CA GLY A 119 3.03 -8.98 -9.15
C GLY A 119 4.40 -8.87 -8.53
N GLY A 120 4.46 -8.21 -7.39
CA GLY A 120 5.72 -8.09 -6.64
C GLY A 120 6.69 -7.02 -7.09
N SER A 122 11.20 -5.71 -7.06
CA SER A 122 12.55 -6.16 -7.37
C SER A 122 13.34 -6.58 -6.16
N GLU A 123 14.48 -7.24 -6.40
CA GLU A 123 15.35 -7.61 -5.29
C GLU A 123 15.89 -6.35 -4.57
N GLU A 124 16.05 -5.22 -5.28
CA GLU A 124 16.50 -3.97 -4.61
CA GLU A 124 16.49 -3.99 -4.61
C GLU A 124 15.47 -3.57 -3.57
N VAL A 125 14.20 -3.68 -3.92
CA VAL A 125 13.12 -3.38 -2.99
C VAL A 125 13.13 -4.37 -1.85
N VAL A 126 13.27 -5.67 -2.14
CA VAL A 126 13.35 -6.67 -1.07
C VAL A 126 14.43 -6.28 -0.02
N GLU A 127 15.61 -5.93 -0.50
CA GLU A 127 16.70 -5.52 0.38
CA GLU A 127 16.69 -5.54 0.40
C GLU A 127 16.35 -4.26 1.17
N ALA A 128 15.74 -3.28 0.49
CA ALA A 128 15.38 -2.02 1.14
C ALA A 128 14.31 -2.21 2.21
N ARG A 130 14.29 -4.78 4.23
CA ARG A 130 14.85 -5.55 5.35
C ARG A 130 14.76 -4.73 6.65
N GLY A 131 14.18 -5.34 7.68
CA GLY A 131 14.05 -4.72 8.98
C GLY A 131 13.01 -3.64 9.11
N LYS A 132 12.21 -3.41 8.06
CA LYS A 132 11.26 -2.29 8.13
C LYS A 132 9.92 -2.42 7.42
N ALA A 133 9.78 -3.27 6.42
CA ALA A 133 8.57 -3.22 5.61
C ALA A 133 8.21 -4.59 5.07
N ALA A 134 6.97 -4.66 4.60
CA ALA A 134 6.42 -5.83 3.93
C ALA A 134 5.60 -5.40 2.71
N TYR A 135 5.50 -6.34 1.78
CA TYR A 135 4.71 -6.23 0.58
C TYR A 135 3.57 -7.26 0.65
N PHE A 136 2.37 -6.76 0.43
CA PHE A 136 1.13 -7.52 0.51
C PHE A 136 0.56 -7.68 -0.91
N ALA A 137 0.51 -8.92 -1.38
CA ALA A 137 -0.10 -9.25 -2.68
C ALA A 137 -1.61 -9.24 -2.50
N PHE A 138 -2.29 -8.36 -3.19
CA PHE A 138 -3.74 -8.27 -3.09
C PHE A 138 -4.37 -9.53 -3.71
N THR A 139 -5.28 -10.15 -2.96
CA THR A 139 -5.98 -11.35 -3.47
C THR A 139 -7.47 -11.19 -3.19
N GLY A 140 -7.97 -9.96 -3.26
CA GLY A 140 -9.37 -9.68 -2.92
C GLY A 140 -10.31 -9.48 -4.11
N GLY A 141 -9.95 -10.03 -5.27
CA GLY A 141 -10.82 -9.98 -6.45
C GLY A 141 -10.51 -8.86 -7.42
N ALA A 142 -11.50 -8.45 -8.19
CA ALA A 142 -11.28 -7.50 -9.29
C ALA A 142 -11.16 -6.05 -8.84
N GLY A 143 -11.62 -5.75 -7.62
CA GLY A 143 -11.60 -4.40 -7.08
C GLY A 143 -12.95 -3.79 -6.69
N ALA A 144 -14.05 -4.30 -7.26
CA ALA A 144 -15.37 -3.72 -6.98
C ALA A 144 -15.84 -4.11 -5.58
N LEU A 145 -15.86 -5.41 -5.32
CA LEU A 145 -16.28 -5.90 -4.00
C LEU A 145 -15.28 -5.42 -2.92
N ALA A 146 -14.00 -5.35 -3.25
CA ALA A 146 -12.97 -4.90 -2.29
C ALA A 146 -13.24 -3.46 -1.83
N ALA A 147 -13.78 -2.65 -2.75
CA ALA A 147 -14.09 -1.25 -2.47
C ALA A 147 -15.11 -1.10 -1.36
N SER A 149 -14.99 -2.37 1.45
CA SER A 149 -14.25 -2.27 2.71
CA SER A 149 -14.25 -2.27 2.70
C SER A 149 -13.72 -0.85 2.96
N ILE A 150 -13.88 0.04 1.99
CA ILE A 150 -13.51 1.41 2.14
C ILE A 150 -14.73 2.14 2.70
N LYS A 151 -14.59 2.66 3.90
CA LYS A 151 -15.70 3.27 4.60
C LYS A 151 -15.80 4.77 4.36
N LYS A 152 -14.68 5.44 4.10
CA LYS A 152 -14.69 6.87 3.88
C LYS A 152 -13.50 7.28 3.04
N VAL A 153 -13.70 8.24 2.16
CA VAL A 153 -12.61 8.95 1.54
C VAL A 153 -12.33 10.15 2.45
N LYS A 154 -11.21 10.09 3.15
CA LYS A 154 -10.81 11.17 4.03
CA LYS A 154 -10.80 11.18 4.04
C LYS A 154 -10.44 12.43 3.25
N GLY A 155 -9.79 12.25 2.12
CA GLY A 155 -9.50 13.36 1.24
C GLY A 155 -8.73 12.87 0.04
N VAL A 156 -8.32 13.81 -0.80
CA VAL A 156 -7.54 13.50 -1.99
C VAL A 156 -6.52 14.63 -2.17
N VAL A 157 -5.30 14.24 -2.53
CA VAL A 157 -4.29 15.21 -2.81
C VAL A 157 -3.70 14.97 -4.21
N TRP A 158 -3.16 16.06 -4.76
CA TRP A 158 -2.60 16.01 -6.10
C TRP A 158 -3.64 15.57 -7.12
N GLU A 159 -4.84 16.14 -7.00
CA GLU A 159 -5.95 15.81 -7.91
C GLU A 159 -5.66 16.22 -9.35
N ASP A 160 -4.74 17.16 -9.53
CA ASP A 160 -4.33 17.60 -10.85
C ASP A 160 -3.64 16.51 -11.67
N LEU A 161 -3.18 15.44 -11.01
CA LEU A 161 -2.62 14.29 -11.69
C LEU A 161 -3.68 13.44 -12.39
N GLY A 162 -4.96 13.69 -12.07
CA GLY A 162 -6.07 12.98 -12.66
C GLY A 162 -6.53 11.92 -11.68
N PRO A 164 -7.19 8.53 -11.47
CA PRO A 164 -6.44 7.30 -11.10
C PRO A 164 -5.03 7.53 -10.56
N GLU A 165 -4.41 8.67 -10.89
CA GLU A 165 -3.04 8.98 -10.45
C GLU A 165 -2.96 9.83 -9.17
N ALA A 166 -4.08 10.42 -8.76
CA ALA A 166 -4.11 11.18 -7.52
C ALA A 166 -3.89 10.30 -6.30
N VAL A 167 -3.53 10.94 -5.19
CA VAL A 167 -3.32 10.24 -3.94
C VAL A 167 -4.59 10.32 -3.10
N TRP A 168 -5.29 9.21 -3.06
CA TRP A 168 -6.55 9.11 -2.31
C TRP A 168 -6.29 8.59 -0.91
N LEU A 169 -6.78 9.34 0.07
CA LEU A 169 -6.62 9.01 1.48
C LEU A 169 -7.90 8.30 1.92
N LEU A 170 -7.79 7.02 2.28
CA LEU A 170 -8.94 6.14 2.48
C LEU A 170 -8.98 5.59 3.90
N GLU A 171 -10.17 5.57 4.48
CA GLU A 171 -10.42 4.90 5.76
CA GLU A 171 -10.42 4.90 5.76
C GLU A 171 -11.02 3.54 5.42
N VAL A 172 -10.37 2.47 5.89
CA VAL A 172 -10.76 1.11 5.51
C VAL A 172 -11.00 0.23 6.73
N GLU A 173 -11.87 -0.77 6.56
CA GLU A 173 -12.07 -1.79 7.59
CA GLU A 173 -12.07 -1.79 7.58
C GLU A 173 -11.88 -3.16 6.96
N ARG A 174 -10.84 -3.88 7.40
CA ARG A 174 -10.51 -5.21 6.90
C ARG A 174 -10.41 -5.21 5.37
N PHE A 175 -9.63 -4.27 4.86
CA PHE A 175 -9.29 -4.27 3.46
C PHE A 175 -8.40 -5.46 3.14
N GLY A 176 -8.72 -6.20 2.08
CA GLY A 176 -8.04 -7.43 1.75
C GLY A 176 -9.00 -8.50 1.28
N PRO A 177 -8.59 -9.75 1.37
CA PRO A 177 -7.33 -10.27 1.89
C PRO A 177 -6.14 -9.99 1.00
N CYS A 178 -4.97 -9.94 1.64
CA CYS A 178 -3.69 -9.94 0.95
C CYS A 178 -2.85 -11.06 1.52
N ILE A 179 -1.86 -11.49 0.74
CA ILE A 179 -0.92 -12.48 1.19
C ILE A 179 0.42 -11.74 1.33
N VAL A 180 1.09 -11.92 2.45
CA VAL A 180 2.43 -11.37 2.62
C VAL A 180 3.33 -12.08 1.61
N ALA A 181 3.89 -11.30 0.70
CA ALA A 181 4.67 -11.87 -0.39
C ALA A 181 6.15 -11.43 -0.40
N ILE A 182 6.47 -10.31 0.26
CA ILE A 182 7.82 -9.96 0.62
C ILE A 182 7.79 -9.57 2.11
N ASP A 183 8.64 -10.20 2.89
CA ASP A 183 8.70 -9.90 4.32
C ASP A 183 9.85 -8.91 4.62
N ALA A 184 10.05 -8.64 5.92
CA ALA A 184 11.10 -7.75 6.42
C ALA A 184 12.41 -8.49 6.70
N HIS A 185 12.53 -9.72 6.19
CA HIS A 185 13.68 -10.57 6.43
C HIS A 185 14.37 -11.10 5.16
N GLY A 186 14.14 -10.42 4.06
CA GLY A 186 14.82 -10.70 2.80
C GLY A 186 14.20 -11.83 1.99
N ASN A 187 13.00 -12.26 2.36
CA ASN A 187 12.28 -13.30 1.61
C ASN A 187 11.26 -12.72 0.65
N SER A 188 11.14 -13.36 -0.51
CA SER A 188 10.16 -12.98 -1.52
C SER A 188 9.55 -14.22 -2.19
N LEU A 189 8.21 -14.30 -2.28
CA LEU A 189 7.52 -15.32 -3.07
C LEU A 189 7.88 -15.27 -4.55
N TYR A 190 8.39 -14.11 -4.98
CA TYR A 190 8.62 -13.86 -6.40
C TYR A 190 10.03 -14.24 -6.85
N ARG A 191 10.88 -14.63 -5.92
CA ARG A 191 12.29 -14.82 -6.23
C ARG A 191 12.46 -15.91 -7.30
N ARG A 192 13.20 -15.61 -8.36
CA ARG A 192 13.35 -16.54 -9.49
C ARG A 192 11.98 -16.94 -10.14
#